data_7MPC
#
_entry.id   7MPC
#
_cell.length_a   84.582
_cell.length_b   84.582
_cell.length_c   42.346
_cell.angle_alpha   90.000
_cell.angle_beta   90.000
_cell.angle_gamma   120.000
#
_symmetry.space_group_name_H-M   'P 63'
#
loop_
_entity.id
_entity.type
_entity.pdbx_description
1 polymer SsoPTP
2 non-polymer 'VANADATE ION'
3 water water
#
_entity_poly.entity_id   1
_entity_poly.type   'polypeptide(L)'
_entity_poly.pdbx_seq_one_letter_code
;MYWVRRKTIGGSGLPYTENEILEWRKEGVKRVLVLPEDWEIEESWGDKDYYLSILKKNGLQPLHIPIPDGGVPSDSQFLT
IMKWLLSEKEGNLVHCVGGIGRTGTILASYLILTEGLEVESAIDEVRLVRPGAVQTYEQEMFLLRVEGMRKSWLKNIYSN
S
;
_entity_poly.pdbx_strand_id   A
#
loop_
_chem_comp.id
_chem_comp.type
_chem_comp.name
_chem_comp.formula
VO4 non-polymer 'VANADATE ION' 'O4 V -3'
#
# COMPACT_ATOMS: atom_id res chain seq x y z
N MET A 1 2.69 12.50 -2.40
CA MET A 1 3.07 11.10 -2.68
C MET A 1 4.57 10.92 -2.78
N TYR A 2 5.01 9.67 -2.65
CA TYR A 2 6.44 9.33 -2.60
C TYR A 2 6.68 7.97 -3.23
N TRP A 3 7.79 7.85 -3.94
CA TRP A 3 8.18 6.60 -4.57
C TRP A 3 9.23 5.91 -3.71
N VAL A 4 8.96 4.66 -3.38
CA VAL A 4 9.97 3.86 -2.70
C VAL A 4 10.91 3.21 -3.71
N ARG A 5 10.37 2.72 -4.82
CA ARG A 5 11.11 2.17 -5.94
C ARG A 5 10.56 2.85 -7.19
N ARG A 6 11.37 3.70 -7.83
CA ARG A 6 10.77 4.71 -8.68
C ARG A 6 9.97 4.12 -9.83
N LYS A 7 8.78 4.69 -10.00
CA LYS A 7 7.68 4.29 -10.89
C LYS A 7 7.24 2.85 -10.76
N THR A 8 7.72 2.10 -9.78
CA THR A 8 7.19 0.76 -9.50
C THR A 8 6.21 0.73 -8.33
N ILE A 9 6.62 1.25 -7.17
CA ILE A 9 5.73 1.28 -6.02
C ILE A 9 5.98 2.53 -5.19
N GLY A 10 4.88 3.17 -4.77
CA GLY A 10 4.94 4.33 -3.90
C GLY A 10 3.74 4.42 -2.98
N GLY A 11 3.77 5.47 -2.15
CA GLY A 11 2.75 5.65 -1.13
C GLY A 11 2.24 7.07 -1.07
N SER A 12 1.09 7.22 -0.40
CA SER A 12 0.49 8.54 -0.24
C SER A 12 -0.54 8.52 0.89
N GLY A 13 -1.02 9.71 1.25
CA GLY A 13 -2.15 9.80 2.14
C GLY A 13 -3.42 9.90 1.31
N LEU A 14 -4.55 10.04 2.00
CA LEU A 14 -5.85 10.10 1.36
C LEU A 14 -6.06 11.46 0.73
N PRO A 15 -6.27 11.55 -0.60
CA PRO A 15 -6.57 12.85 -1.22
C PRO A 15 -7.90 13.41 -0.76
N TYR A 16 -7.93 14.75 -0.57
CA TYR A 16 -9.16 15.45 -0.26
C TYR A 16 -9.78 16.18 -1.46
N THR A 17 -9.05 16.33 -2.55
CA THR A 17 -9.51 17.00 -3.75
C THR A 17 -9.11 16.16 -4.95
N GLU A 18 -9.82 16.37 -6.06
CA GLU A 18 -9.39 15.74 -7.31
C GLU A 18 -8.02 16.24 -7.79
N ASN A 19 -7.63 17.48 -7.45
CA ASN A 19 -6.30 17.96 -7.82
C ASN A 19 -5.21 17.00 -7.41
N GLU A 20 -5.33 16.43 -6.21
CA GLU A 20 -4.28 15.59 -5.70
C GLU A 20 -4.17 14.31 -6.51
N ILE A 21 -5.31 13.81 -6.97
CA ILE A 21 -5.39 12.62 -7.79
C ILE A 21 -4.76 12.90 -9.15
N LEU A 22 -4.98 14.09 -9.71
CA LEU A 22 -4.32 14.40 -10.97
C LEU A 22 -2.80 14.43 -10.82
N GLU A 23 -2.32 14.93 -9.70
CA GLU A 23 -0.89 14.93 -9.43
C GLU A 23 -0.33 13.50 -9.41
N TRP A 24 -1.06 12.56 -8.81
CA TRP A 24 -0.66 11.16 -8.90
C TRP A 24 -0.48 10.72 -10.35
N ARG A 25 -1.47 11.03 -11.17
CA ARG A 25 -1.41 10.59 -12.56
C ARG A 25 -0.22 11.19 -13.28
N LYS A 26 0.07 12.48 -13.03
CA LYS A 26 1.23 13.13 -13.62
C LYS A 26 2.53 12.48 -13.18
N GLU A 27 2.60 12.04 -11.93
CA GLU A 27 3.76 11.35 -11.38
C GLU A 27 3.94 9.92 -11.93
N GLY A 28 2.97 9.39 -12.66
CA GLY A 28 3.12 8.08 -13.25
C GLY A 28 2.34 6.98 -12.58
N VAL A 29 1.46 7.32 -11.64
CA VAL A 29 0.64 6.31 -11.00
C VAL A 29 -0.37 5.76 -12.00
N LYS A 30 -0.49 4.45 -12.03
CA LYS A 30 -1.43 3.75 -12.90
C LYS A 30 -2.47 2.95 -12.14
N ARG A 31 -2.15 2.51 -10.92
CA ARG A 31 -2.96 1.56 -10.15
C ARG A 31 -2.90 2.04 -8.71
N VAL A 32 -4.02 1.94 -7.97
CA VAL A 32 -4.12 2.44 -6.62
C VAL A 32 -4.67 1.36 -5.71
N LEU A 33 -3.93 1.05 -4.65
CA LEU A 33 -4.36 0.18 -3.56
C LEU A 33 -4.89 1.06 -2.44
N VAL A 34 -6.19 1.00 -2.21
CA VAL A 34 -6.89 1.87 -1.25
C VAL A 34 -7.04 1.11 0.07
N LEU A 35 -6.33 1.56 1.12
CA LEU A 35 -6.33 0.89 2.42
C LEU A 35 -7.31 1.41 3.47
N PRO A 36 -7.81 2.66 3.40
CA PRO A 36 -8.67 3.14 4.50
C PRO A 36 -9.99 2.38 4.51
N GLU A 37 -10.59 2.33 5.70
CA GLU A 37 -11.92 1.75 5.82
C GLU A 37 -12.96 2.68 5.20
N ASP A 38 -14.14 2.11 4.90
CA ASP A 38 -15.25 2.89 4.36
C ASP A 38 -15.45 4.20 5.08
N TRP A 39 -15.54 4.15 6.43
CA TRP A 39 -15.91 5.35 7.17
C TRP A 39 -14.89 6.45 6.99
N GLU A 40 -13.61 6.09 6.84
CA GLU A 40 -12.57 7.08 6.62
C GLU A 40 -12.72 7.76 5.25
N ILE A 41 -13.07 7.01 4.23
CA ILE A 41 -13.22 7.57 2.91
C ILE A 41 -14.46 8.46 2.87
N GLU A 42 -15.57 7.96 3.43
CA GLU A 42 -16.88 8.63 3.37
C GLU A 42 -16.89 9.94 4.10
N GLU A 43 -15.96 10.14 5.01
CA GLU A 43 -15.83 11.44 5.67
C GLU A 43 -15.36 12.52 4.69
N SER A 44 -14.40 12.21 3.81
CA SER A 44 -13.93 13.21 2.85
C SER A 44 -14.64 13.17 1.48
N TRP A 45 -15.30 12.06 1.11
CA TRP A 45 -15.82 11.89 -0.25
C TRP A 45 -17.30 11.52 -0.30
N GLY A 46 -17.97 11.40 0.84
CA GLY A 46 -19.37 11.10 0.80
C GLY A 46 -19.70 9.63 0.71
N ASP A 47 -19.19 8.94 -0.31
CA ASP A 47 -19.49 7.54 -0.53
C ASP A 47 -18.22 6.90 -1.09
N LYS A 48 -17.91 5.70 -0.58
CA LYS A 48 -16.74 4.99 -1.06
C LYS A 48 -16.82 4.77 -2.56
N ASP A 49 -18.00 4.36 -3.04
CA ASP A 49 -18.17 4.08 -4.48
C ASP A 49 -17.85 5.33 -5.31
N TYR A 50 -18.17 6.51 -4.82
CA TYR A 50 -17.90 7.74 -5.55
C TYR A 50 -16.40 8.02 -5.62
N TYR A 51 -15.71 7.89 -4.50
CA TYR A 51 -14.26 8.07 -4.50
C TYR A 51 -13.63 7.15 -5.53
N LEU A 52 -14.03 5.88 -5.54
CA LEU A 52 -13.37 4.96 -6.47
C LEU A 52 -13.69 5.34 -7.93
N SER A 53 -14.88 5.86 -8.18
CA SER A 53 -15.20 6.29 -9.54
C SER A 53 -14.32 7.45 -9.97
N ILE A 54 -14.04 8.40 -9.08
CA ILE A 54 -13.14 9.49 -9.38
C ILE A 54 -11.73 8.96 -9.70
N LEU A 55 -11.27 7.95 -8.96
CA LEU A 55 -10.01 7.32 -9.36
C LEU A 55 -10.08 6.77 -10.79
N LYS A 56 -11.11 5.97 -11.11
CA LYS A 56 -11.21 5.41 -12.45
C LYS A 56 -11.35 6.51 -13.48
N LYS A 57 -12.14 7.53 -13.17
CA LYS A 57 -12.32 8.64 -14.09
C LYS A 57 -10.99 9.21 -14.52
N ASN A 58 -10.03 9.22 -13.61
CA ASN A 58 -8.70 9.74 -13.85
C ASN A 58 -7.76 8.67 -14.34
N GLY A 59 -8.30 7.58 -14.87
CA GLY A 59 -7.50 6.57 -15.51
C GLY A 59 -6.77 5.61 -14.61
N LEU A 60 -7.10 5.57 -13.32
CA LEU A 60 -6.41 4.72 -12.35
C LEU A 60 -7.29 3.51 -12.04
N GLN A 61 -6.65 2.36 -11.85
CA GLN A 61 -7.37 1.11 -11.61
C GLN A 61 -7.28 0.89 -10.12
N PRO A 62 -8.37 0.95 -9.37
CA PRO A 62 -8.25 0.80 -7.91
C PRO A 62 -8.68 -0.56 -7.39
N LEU A 63 -8.11 -0.89 -6.23
CA LEU A 63 -8.49 -2.06 -5.45
C LEU A 63 -8.66 -1.62 -4.01
N HIS A 64 -9.84 -1.88 -3.42
CA HIS A 64 -10.05 -1.49 -2.03
C HIS A 64 -9.86 -2.68 -1.08
N ILE A 65 -8.86 -2.59 -0.20
CA ILE A 65 -8.60 -3.62 0.80
C ILE A 65 -8.53 -2.90 2.14
N PRO A 66 -9.64 -2.83 2.86
CA PRO A 66 -9.69 -1.96 4.04
C PRO A 66 -8.96 -2.56 5.23
N ILE A 67 -8.04 -1.78 5.79
CA ILE A 67 -7.27 -2.14 6.97
C ILE A 67 -7.55 -1.10 8.05
N PRO A 68 -7.89 -1.50 9.26
CA PRO A 68 -8.10 -0.51 10.33
C PRO A 68 -6.81 0.23 10.70
N ASP A 69 -6.95 1.49 11.10
CA ASP A 69 -5.79 2.29 11.50
C ASP A 69 -5.00 1.62 12.62
N GLY A 70 -3.68 1.68 12.50
CA GLY A 70 -2.77 0.99 13.40
C GLY A 70 -2.69 -0.48 13.16
N GLY A 71 -3.44 -0.99 12.20
CA GLY A 71 -3.58 -2.40 11.97
C GLY A 71 -2.75 -2.92 10.81
N VAL A 72 -3.06 -4.17 10.46
CA VAL A 72 -2.33 -4.94 9.45
C VAL A 72 -3.33 -5.76 8.64
N PRO A 73 -2.98 -6.14 7.41
CA PRO A 73 -3.91 -6.97 6.64
C PRO A 73 -4.00 -8.34 7.26
N SER A 74 -5.19 -8.91 7.16
CA SER A 74 -5.34 -10.34 7.42
C SER A 74 -4.54 -11.14 6.39
N ASP A 75 -4.42 -12.45 6.64
CA ASP A 75 -3.64 -13.27 5.72
C ASP A 75 -4.28 -13.31 4.34
N SER A 76 -5.62 -13.42 4.27
N SER A 76 -5.63 -13.42 4.28
CA SER A 76 -6.26 -13.42 2.97
CA SER A 76 -6.30 -13.42 2.99
C SER A 76 -6.11 -12.08 2.27
C SER A 76 -6.14 -12.08 2.28
N GLN A 77 -6.27 -10.99 3.03
CA GLN A 77 -6.04 -9.65 2.47
C GLN A 77 -4.62 -9.51 1.93
N PHE A 78 -3.65 -9.98 2.68
CA PHE A 78 -2.26 -9.80 2.27
C PHE A 78 -1.99 -10.57 0.99
N LEU A 79 -2.50 -11.78 0.86
CA LEU A 79 -2.31 -12.51 -0.38
C LEU A 79 -2.89 -11.74 -1.56
N THR A 80 -4.11 -11.23 -1.42
CA THR A 80 -4.76 -10.41 -2.43
C THR A 80 -3.94 -9.18 -2.78
N ILE A 81 -3.41 -8.51 -1.74
CA ILE A 81 -2.61 -7.29 -1.93
C ILE A 81 -1.37 -7.61 -2.76
N MET A 82 -0.66 -8.68 -2.39
CA MET A 82 0.61 -8.95 -3.06
C MET A 82 0.40 -9.47 -4.48
N LYS A 83 -0.62 -10.29 -4.71
CA LYS A 83 -1.00 -10.65 -6.07
C LYS A 83 -1.31 -9.41 -6.89
N TRP A 84 -2.03 -8.45 -6.31
CA TRP A 84 -2.37 -7.22 -7.01
C TRP A 84 -1.13 -6.42 -7.39
N LEU A 85 -0.23 -6.24 -6.42
CA LEU A 85 0.96 -5.42 -6.64
C LEU A 85 1.93 -6.08 -7.62
N LEU A 86 1.96 -7.41 -7.67
CA LEU A 86 2.90 -8.12 -8.55
C LEU A 86 2.27 -8.52 -9.88
N SER A 87 0.94 -8.42 -10.01
CA SER A 87 0.26 -8.70 -11.29
C SER A 87 0.72 -7.74 -12.38
N GLU A 88 0.74 -6.45 -12.07
CA GLU A 88 1.20 -5.41 -12.97
C GLU A 88 2.16 -4.58 -12.13
N LYS A 89 3.44 -4.62 -12.47
CA LYS A 89 4.43 -4.15 -11.52
C LYS A 89 4.64 -2.64 -11.57
N GLU A 90 4.25 -1.95 -12.63
CA GLU A 90 4.59 -0.55 -12.78
C GLU A 90 3.45 0.36 -12.40
N GLY A 91 3.80 1.46 -11.72
CA GLY A 91 2.84 2.52 -11.45
C GLY A 91 1.94 2.27 -10.27
N ASN A 92 2.38 1.51 -9.28
CA ASN A 92 1.52 1.14 -8.15
C ASN A 92 1.65 2.16 -7.04
N LEU A 93 0.52 2.71 -6.63
CA LEU A 93 0.42 3.55 -5.45
C LEU A 93 -0.39 2.83 -4.38
N VAL A 94 0.06 2.93 -3.13
CA VAL A 94 -0.68 2.45 -1.98
C VAL A 94 -1.01 3.64 -1.10
N HIS A 95 -2.22 3.72 -0.54
CA HIS A 95 -2.46 4.85 0.36
C HIS A 95 -3.38 4.46 1.52
N CYS A 96 -3.20 5.18 2.62
CA CYS A 96 -4.11 5.06 3.75
C CYS A 96 -4.62 6.47 4.04
N VAL A 97 -4.74 6.86 5.29
CA VAL A 97 -5.18 8.23 5.55
C VAL A 97 -4.00 9.17 5.65
N GLY A 98 -3.02 8.83 6.49
CA GLY A 98 -1.84 9.64 6.65
C GLY A 98 -0.70 9.34 5.71
N GLY A 99 -0.72 8.16 5.09
CA GLY A 99 0.38 7.75 4.26
C GLY A 99 1.58 7.20 5.00
N ILE A 100 1.46 6.92 6.30
CA ILE A 100 2.61 6.54 7.11
C ILE A 100 2.53 5.12 7.67
N GLY A 101 1.50 4.83 8.44
CA GLY A 101 1.47 3.57 9.15
C GLY A 101 1.08 2.36 8.33
N ARG A 102 -0.18 2.31 7.93
CA ARG A 102 -0.66 1.20 7.13
C ARG A 102 0.08 1.13 5.80
N THR A 103 0.17 2.26 5.11
CA THR A 103 0.91 2.33 3.86
C THR A 103 2.35 1.87 4.04
N GLY A 104 3.05 2.42 5.06
CA GLY A 104 4.45 2.06 5.30
C GLY A 104 4.62 0.57 5.55
N THR A 105 3.64 -0.05 6.23
CA THR A 105 3.71 -1.47 6.50
C THR A 105 3.61 -2.28 5.23
N ILE A 106 2.67 -1.91 4.31
CA ILE A 106 2.55 -2.68 3.08
C ILE A 106 3.79 -2.52 2.21
N LEU A 107 4.31 -1.29 2.11
CA LEU A 107 5.51 -1.06 1.30
C LEU A 107 6.69 -1.85 1.87
N ALA A 108 6.87 -1.84 3.17
CA ALA A 108 7.97 -2.59 3.75
C ALA A 108 7.82 -4.07 3.47
N SER A 109 6.59 -4.60 3.62
CA SER A 109 6.28 -6.00 3.26
C SER A 109 6.68 -6.33 1.85
N TYR A 110 6.43 -5.39 0.93
CA TYR A 110 6.76 -5.58 -0.47
C TYR A 110 8.25 -5.72 -0.68
N LEU A 111 9.04 -4.87 -0.03
CA LEU A 111 10.48 -4.99 -0.12
C LEU A 111 11.01 -6.28 0.50
N ILE A 112 10.48 -6.65 1.66
CA ILE A 112 10.86 -7.90 2.30
C ILE A 112 10.61 -9.05 1.35
N LEU A 113 9.45 -9.09 0.71
CA LEU A 113 9.16 -10.21 -0.18
C LEU A 113 9.96 -10.14 -1.48
N THR A 114 9.99 -9.00 -2.17
CA THR A 114 10.61 -8.99 -3.51
C THR A 114 12.13 -8.94 -3.49
N GLU A 115 12.73 -8.27 -2.52
CA GLU A 115 14.18 -8.07 -2.49
C GLU A 115 14.88 -8.83 -1.38
N GLY A 116 14.16 -9.49 -0.49
CA GLY A 116 14.77 -10.25 0.55
C GLY A 116 15.39 -9.44 1.66
N LEU A 117 14.98 -8.19 1.83
CA LEU A 117 15.55 -7.36 2.88
C LEU A 117 15.17 -7.86 4.27
N GLU A 118 16.06 -7.62 5.24
CA GLU A 118 15.70 -7.81 6.65
C GLU A 118 14.66 -6.76 7.04
N VAL A 119 13.91 -7.02 8.11
CA VAL A 119 12.85 -6.10 8.51
C VAL A 119 13.40 -4.68 8.76
N GLU A 120 14.44 -4.56 9.57
CA GLU A 120 14.95 -3.23 9.89
C GLU A 120 15.41 -2.50 8.64
N SER A 121 16.02 -3.23 7.69
N SER A 121 16.02 -3.22 7.69
CA SER A 121 16.46 -2.65 6.44
CA SER A 121 16.46 -2.60 6.46
C SER A 121 15.28 -2.15 5.63
C SER A 121 15.29 -2.15 5.61
N ALA A 122 14.21 -2.94 5.58
CA ALA A 122 13.02 -2.57 4.82
C ALA A 122 12.34 -1.36 5.44
N ILE A 123 12.22 -1.31 6.77
CA ILE A 123 11.61 -0.15 7.41
C ILE A 123 12.41 1.12 7.11
N ASP A 124 13.72 1.03 7.24
CA ASP A 124 14.53 2.20 6.99
C ASP A 124 14.50 2.62 5.52
N GLU A 125 14.42 1.65 4.59
CA GLU A 125 14.29 2.01 3.18
C GLU A 125 13.04 2.83 2.93
N VAL A 126 11.94 2.51 3.63
CA VAL A 126 10.73 3.29 3.46
C VAL A 126 10.84 4.62 4.20
N ARG A 127 11.45 4.63 5.37
CA ARG A 127 11.59 5.89 6.09
C ARG A 127 12.48 6.90 5.40
N LEU A 128 13.34 6.46 4.48
CA LEU A 128 14.10 7.42 3.68
C LEU A 128 13.17 8.43 3.01
N VAL A 129 12.10 7.93 2.38
CA VAL A 129 11.19 8.80 1.63
C VAL A 129 9.95 9.13 2.41
N ARG A 130 9.72 8.48 3.54
CA ARG A 130 8.50 8.65 4.34
C ARG A 130 8.85 8.54 5.81
N PRO A 131 9.27 9.62 6.43
CA PRO A 131 9.66 9.55 7.84
C PRO A 131 8.51 9.03 8.70
N GLY A 132 8.83 8.12 9.61
CA GLY A 132 7.88 7.57 10.55
C GLY A 132 7.11 6.39 10.04
N ALA A 133 7.37 5.98 8.80
CA ALA A 133 6.70 4.81 8.23
C ALA A 133 6.77 3.61 9.16
N VAL A 134 5.61 2.94 9.30
CA VAL A 134 5.39 1.76 10.15
C VAL A 134 5.30 2.26 11.59
N GLN A 135 4.08 2.41 12.11
CA GLN A 135 3.83 3.19 13.32
C GLN A 135 3.61 2.35 14.57
N THR A 136 3.13 1.11 14.46
CA THR A 136 2.62 0.41 15.63
C THR A 136 3.31 -0.92 15.90
N TYR A 137 3.18 -1.38 17.16
CA TYR A 137 3.65 -2.71 17.54
C TYR A 137 3.07 -3.78 16.64
N GLU A 138 1.76 -3.69 16.33
CA GLU A 138 1.13 -4.75 15.56
C GLU A 138 1.71 -4.79 14.16
N GLN A 139 2.01 -3.62 13.61
CA GLN A 139 2.64 -3.54 12.30
C GLN A 139 4.05 -4.11 12.30
N GLU A 140 4.85 -3.78 13.31
CA GLU A 140 6.20 -4.36 13.38
C GLU A 140 6.17 -5.87 13.54
N MET A 141 5.26 -6.39 14.35
CA MET A 141 5.16 -7.83 14.53
C MET A 141 4.76 -8.51 13.22
N PHE A 142 3.84 -7.90 12.48
CA PHE A 142 3.44 -8.40 11.18
C PHE A 142 4.65 -8.54 10.25
N LEU A 143 5.50 -7.51 10.20
CA LEU A 143 6.66 -7.55 9.32
C LEU A 143 7.62 -8.68 9.67
N LEU A 144 7.85 -8.91 10.97
CA LEU A 144 8.67 -10.05 11.39
C LEU A 144 8.10 -11.37 10.90
N ARG A 145 6.78 -11.53 10.99
CA ARG A 145 6.16 -12.76 10.53
C ARG A 145 6.29 -12.94 9.02
N VAL A 146 6.09 -11.88 8.23
CA VAL A 146 6.28 -11.97 6.77
C VAL A 146 7.71 -12.37 6.42
N GLU A 147 8.69 -11.68 7.02
CA GLU A 147 10.10 -12.00 6.75
C GLU A 147 10.39 -13.47 7.06
N GLY A 148 9.94 -13.95 8.22
CA GLY A 148 10.14 -15.36 8.56
C GLY A 148 9.50 -16.36 7.61
N MET A 149 8.38 -15.99 7.00
CA MET A 149 7.68 -16.87 6.08
C MET A 149 7.82 -16.44 4.61
N ARG A 150 8.91 -15.80 4.26
CA ARG A 150 9.05 -15.24 2.91
C ARG A 150 8.89 -16.31 1.85
N LYS A 151 9.52 -17.48 2.03
CA LYS A 151 9.47 -18.48 0.98
C LYS A 151 8.05 -18.99 0.78
N SER A 152 7.32 -19.18 1.87
CA SER A 152 5.95 -19.65 1.79
C SER A 152 5.03 -18.60 1.17
N TRP A 153 5.19 -17.32 1.51
CA TRP A 153 4.39 -16.27 0.88
C TRP A 153 4.62 -16.21 -0.61
N LEU A 154 5.89 -16.22 -1.05
CA LEU A 154 6.18 -16.15 -2.47
C LEU A 154 5.57 -17.32 -3.22
N LYS A 155 5.65 -18.51 -2.64
CA LYS A 155 5.03 -19.67 -3.26
C LYS A 155 3.55 -19.42 -3.47
N ASN A 156 2.85 -18.94 -2.42
CA ASN A 156 1.41 -18.74 -2.55
C ASN A 156 1.08 -17.60 -3.52
N ILE A 157 1.88 -16.55 -3.52
CA ILE A 157 1.60 -15.41 -4.38
C ILE A 157 1.69 -15.82 -5.83
N TYR A 158 2.72 -16.59 -6.18
CA TYR A 158 3.00 -16.97 -7.57
C TYR A 158 2.29 -18.25 -8.00
N SER A 159 1.48 -18.85 -7.13
CA SER A 159 0.61 -19.91 -7.56
C SER A 159 -0.57 -19.33 -8.35
N ASN A 160 -0.74 -19.79 -9.59
CA ASN A 160 -1.85 -19.38 -10.45
C ASN A 160 -1.97 -17.88 -10.68
V VO4 B . -2.19 5.80 8.50
O1 VO4 B . -2.24 6.25 10.37
O2 VO4 B . -3.84 6.49 7.98
O3 VO4 B . -0.63 6.88 8.15
O4 VO4 B . -2.10 3.97 8.83
#